data_1Y66
#
_entry.id   1Y66
#
_cell.length_a   50.712
_cell.length_b   52.646
_cell.length_c   82.182
_cell.angle_alpha   90.00
_cell.angle_beta   90.00
_cell.angle_gamma   90.00
#
_symmetry.space_group_name_H-M   'P 21 21 21'
#
loop_
_entity.id
_entity.type
_entity.pdbx_description
1 polymer 'engrailed homeodomain'
2 non-polymer 'CADMIUM ION'
3 non-polymer '1,4-DIETHYLENE DIOXIDE'
4 non-polymer 'ACETIC ACID'
5 water water
#
_entity_poly.entity_id   1
_entity_poly.type   'polypeptide(L)'
_entity_poly.pdbx_seq_one_letter_code
;MKQWSEEVERKLKEFVRRHQEITQETLHEYAQKLGLNQQAIEQFFREFEQRK
;
_entity_poly.pdbx_strand_id   A,B,C,D
#
loop_
_chem_comp.id
_chem_comp.type
_chem_comp.name
_chem_comp.formula
ACY non-polymer 'ACETIC ACID' 'C2 H4 O2'
CD non-polymer 'CADMIUM ION' 'Cd 2'
DIO non-polymer '1,4-DIETHYLENE DIOXIDE' 'C4 H8 O2'
#
# COMPACT_ATOMS: atom_id res chain seq x y z
N GLN A 3 -14.94 -33.96 -0.30
CA GLN A 3 -15.41 -32.73 0.39
C GLN A 3 -15.65 -32.99 1.87
N TRP A 4 -15.15 -32.07 2.66
CA TRP A 4 -15.64 -31.89 4.01
C TRP A 4 -16.05 -30.43 4.05
N SER A 5 -17.34 -30.17 4.15
CA SER A 5 -17.82 -28.83 4.43
C SER A 5 -16.89 -28.18 5.46
N GLU A 6 -16.33 -29.02 6.34
CA GLU A 6 -15.37 -28.60 7.36
C GLU A 6 -14.03 -28.15 6.80
N GLU A 7 -13.34 -29.01 6.04
CA GLU A 7 -12.02 -28.65 5.49
C GLU A 7 -12.16 -27.46 4.55
N VAL A 8 -13.19 -27.49 3.73
CA VAL A 8 -13.44 -26.36 2.81
C VAL A 8 -13.64 -25.04 3.58
N GLU A 9 -14.54 -25.04 4.58
CA GLU A 9 -14.73 -23.83 5.43
C GLU A 9 -13.39 -23.36 6.04
N ARG A 10 -12.65 -24.30 6.62
CA ARG A 10 -11.34 -24.01 7.20
C ARG A 10 -10.42 -23.32 6.18
N LYS A 11 -10.36 -23.86 4.96
CA LYS A 11 -9.44 -23.36 3.93
C LYS A 11 -9.83 -21.95 3.48
N LEU A 12 -11.14 -21.71 3.34
CA LEU A 12 -11.63 -20.38 2.93
C LEU A 12 -11.33 -19.35 4.00
N LYS A 13 -11.56 -19.74 5.26
CA LYS A 13 -11.32 -18.81 6.36
C LYS A 13 -9.83 -18.51 6.43
N GLU A 14 -8.99 -19.50 6.19
CA GLU A 14 -7.54 -19.25 6.21
C GLU A 14 -7.08 -18.34 5.06
N PHE A 15 -7.66 -18.52 3.90
CA PHE A 15 -7.39 -17.63 2.77
C PHE A 15 -7.67 -16.17 3.17
N VAL A 16 -8.86 -15.91 3.72
CA VAL A 16 -9.24 -14.53 4.14
C VAL A 16 -8.31 -14.03 5.27
N ARG A 17 -8.01 -14.88 6.25
CA ARG A 17 -7.12 -14.48 7.36
C ARG A 17 -5.72 -14.09 6.86
N ARG A 18 -5.16 -14.96 6.00
CA ARG A 18 -3.83 -14.73 5.43
C ARG A 18 -3.82 -13.46 4.57
N HIS A 19 -4.92 -13.19 3.88
CA HIS A 19 -4.97 -12.00 3.01
C HIS A 19 -4.74 -10.77 3.92
N GLN A 20 -5.46 -10.73 5.06
CA GLN A 20 -5.28 -9.61 6.00
C GLN A 20 -3.86 -9.61 6.61
N GLU A 21 -3.33 -10.81 6.95
CA GLU A 21 -1.99 -10.90 7.55
C GLU A 21 -0.94 -10.32 6.60
N ILE A 22 -1.04 -10.69 5.32
CA ILE A 22 -0.10 -10.25 4.29
C ILE A 22 -0.22 -8.72 4.13
N THR A 23 -1.44 -8.23 4.14
CA THR A 23 -1.62 -6.79 3.99
C THR A 23 -1.00 -6.06 5.18
N GLN A 24 -1.24 -6.52 6.42
CA GLN A 24 -0.71 -5.82 7.59
C GLN A 24 0.83 -5.86 7.59
N GLU A 25 1.40 -7.01 7.22
CA GLU A 25 2.85 -7.10 7.23
C GLU A 25 3.49 -6.17 6.17
N THR A 26 2.83 -6.10 5.03
CA THR A 26 3.25 -5.24 3.91
C THR A 26 3.20 -3.78 4.34
N LEU A 27 2.08 -3.36 4.92
CA LEU A 27 1.89 -1.93 5.24
C LEU A 27 2.91 -1.52 6.29
N HIS A 28 3.15 -2.39 7.31
CA HIS A 28 4.22 -2.08 8.24
C HIS A 28 5.57 -1.99 7.59
N GLU A 29 5.91 -2.92 6.71
CA GLU A 29 7.25 -2.89 6.09
C GLU A 29 7.40 -1.63 5.25
N TYR A 30 6.34 -1.28 4.55
CA TYR A 30 6.34 -0.08 3.74
C TYR A 30 6.56 1.15 4.61
N ALA A 31 5.83 1.28 5.69
CA ALA A 31 6.00 2.42 6.56
C ALA A 31 7.40 2.50 7.15
N GLN A 32 7.98 1.35 7.50
CA GLN A 32 9.36 1.27 7.99
C GLN A 32 10.35 1.77 6.94
N LYS A 33 10.20 1.30 5.73
CA LYS A 33 11.14 1.70 4.66
C LYS A 33 10.98 3.20 4.32
N LEU A 34 9.73 3.68 4.29
CA LEU A 34 9.50 5.13 4.13
C LEU A 34 10.11 5.93 5.26
N GLY A 35 9.98 5.44 6.49
CA GLY A 35 10.59 6.03 7.68
C GLY A 35 12.06 6.24 7.49
N LEU A 36 12.73 5.21 6.97
CA LEU A 36 14.17 5.29 6.68
C LEU A 36 14.53 6.31 5.58
N ASN A 37 13.71 6.40 4.54
CA ASN A 37 13.98 7.28 3.43
C ASN A 37 13.83 8.73 3.93
N GLN A 38 12.82 8.91 4.78
CA GLN A 38 12.56 10.22 5.40
C GLN A 38 13.71 10.61 6.36
N GLN A 39 14.23 9.66 7.15
CA GLN A 39 15.34 9.95 8.07
C GLN A 39 16.53 10.41 7.26
N ALA A 40 16.70 9.82 6.08
CA ALA A 40 17.87 10.09 5.24
C ALA A 40 17.83 11.53 4.66
N ILE A 41 16.66 11.97 4.22
CA ILE A 41 16.58 13.29 3.58
C ILE A 41 16.67 14.34 4.71
N GLU A 42 16.15 13.99 5.90
CA GLU A 42 16.32 14.91 7.07
C GLU A 42 17.78 15.10 7.44
N GLN A 43 18.52 13.99 7.47
CA GLN A 43 19.97 14.00 7.74
C GLN A 43 20.70 14.86 6.68
N PHE A 44 20.33 14.73 5.42
CA PHE A 44 20.92 15.58 4.39
C PHE A 44 20.70 17.05 4.65
N PHE A 45 19.47 17.42 4.99
CA PHE A 45 19.17 18.82 5.25
C PHE A 45 20.08 19.33 6.38
N ARG A 46 20.20 18.57 7.47
CA ARG A 46 21.08 18.99 8.55
C ARG A 46 22.53 19.15 8.08
N GLU A 47 23.02 18.16 7.34
CA GLU A 47 24.42 18.17 6.91
C GLU A 47 24.68 19.31 5.96
N PHE A 48 23.69 19.64 5.16
CA PHE A 48 23.81 20.75 4.27
C PHE A 48 23.89 22.07 5.06
N GLU A 49 23.01 22.23 6.04
CA GLU A 49 22.98 23.42 6.91
C GLU A 49 24.30 23.62 7.67
N GLN A 50 24.85 22.53 8.22
CA GLN A 50 26.12 22.55 8.94
C GLN A 50 27.21 23.22 8.10
N ARG A 51 27.15 23.01 6.79
CA ARG A 51 28.18 23.49 5.87
C ARG A 51 28.06 24.98 5.49
N LYS A 52 26.96 25.61 5.90
CA LYS A 52 26.67 27.01 5.51
C LYS A 52 27.69 28.01 6.06
N SER B 5 21.49 25.57 -4.65
CA SER B 5 20.11 25.61 -5.20
C SER B 5 19.90 24.41 -6.12
N GLU B 6 20.82 24.25 -7.06
CA GLU B 6 20.82 23.11 -7.97
C GLU B 6 21.19 21.80 -7.28
N GLU B 7 22.15 21.84 -6.35
CA GLU B 7 22.61 20.63 -5.66
C GLU B 7 21.56 20.10 -4.68
N VAL B 8 20.84 21.01 -4.04
CA VAL B 8 19.71 20.59 -3.22
C VAL B 8 18.60 19.99 -4.10
N GLU B 9 18.30 20.66 -5.22
CA GLU B 9 17.25 20.15 -6.11
C GLU B 9 17.62 18.75 -6.59
N ARG B 10 18.90 18.50 -6.87
CA ARG B 10 19.28 17.15 -7.31
C ARG B 10 19.13 16.10 -6.20
N LYS B 11 19.42 16.50 -4.95
CA LYS B 11 19.33 15.54 -3.84
C LYS B 11 17.85 15.19 -3.59
N LEU B 12 16.99 16.18 -3.76
CA LEU B 12 15.55 15.96 -3.65
C LEU B 12 15.06 15.05 -4.77
N LYS B 13 15.67 15.21 -5.94
CA LYS B 13 15.35 14.28 -7.04
C LYS B 13 15.61 12.84 -6.64
N GLU B 14 16.74 12.60 -5.99
CA GLU B 14 17.06 11.23 -5.61
C GLU B 14 16.09 10.76 -4.50
N PHE B 15 15.68 11.66 -3.60
CA PHE B 15 14.68 11.25 -2.58
C PHE B 15 13.36 10.85 -3.19
N VAL B 16 12.91 11.64 -4.15
CA VAL B 16 11.66 11.30 -4.82
C VAL B 16 11.80 9.98 -5.60
N ARG B 17 12.94 9.79 -6.26
CA ARG B 17 13.17 8.53 -7.01
C ARG B 17 13.17 7.35 -6.04
N ARG B 18 13.83 7.54 -4.90
CA ARG B 18 13.92 6.42 -3.94
C ARG B 18 12.53 6.10 -3.39
N HIS B 19 11.70 7.14 -3.16
CA HIS B 19 10.34 6.89 -2.62
C HIS B 19 9.57 6.10 -3.69
N GLN B 20 9.71 6.49 -4.96
CA GLN B 20 9.01 5.75 -6.01
C GLN B 20 9.47 4.28 -6.06
N GLU B 21 10.79 4.04 -5.96
CA GLU B 21 11.32 2.68 -6.03
C GLU B 21 10.80 1.88 -4.81
N ILE B 22 10.85 2.45 -3.63
CA ILE B 22 10.29 1.75 -2.43
C ILE B 22 8.81 1.37 -2.65
N THR B 23 8.03 2.28 -3.21
CA THR B 23 6.63 2.00 -3.46
C THR B 23 6.45 0.90 -4.48
N GLN B 24 7.19 1.00 -5.60
CA GLN B 24 7.08 0.02 -6.68
C GLN B 24 7.53 -1.37 -6.22
N GLU B 25 8.63 -1.43 -5.48
CA GLU B 25 9.11 -2.73 -5.02
C GLU B 25 8.14 -3.33 -3.99
N THR B 26 7.55 -2.45 -3.18
CA THR B 26 6.64 -2.92 -2.13
C THR B 26 5.39 -3.50 -2.82
N LEU B 27 4.89 -2.79 -3.82
CA LEU B 27 3.75 -3.30 -4.60
C LEU B 27 4.05 -4.63 -5.25
N HIS B 28 5.27 -4.79 -5.79
CA HIS B 28 5.61 -6.07 -6.45
C HIS B 28 5.62 -7.20 -5.41
N GLU B 29 6.24 -6.94 -4.27
CA GLU B 29 6.37 -7.94 -3.22
C GLU B 29 4.98 -8.32 -2.70
N TYR B 30 4.14 -7.30 -2.50
CA TYR B 30 2.77 -7.52 -2.00
C TYR B 30 1.99 -8.40 -2.98
N ALA B 31 2.06 -8.08 -4.26
CA ALA B 31 1.39 -8.85 -5.31
C ALA B 31 1.87 -10.31 -5.29
N GLN B 32 3.18 -10.52 -5.12
CA GLN B 32 3.75 -11.85 -5.13
C GLN B 32 3.18 -12.64 -3.95
N LYS B 33 3.12 -12.02 -2.78
CA LYS B 33 2.66 -12.72 -1.58
C LYS B 33 1.18 -13.01 -1.65
N LEU B 34 0.40 -12.04 -2.10
CA LEU B 34 -1.04 -12.34 -2.28
C LEU B 34 -1.24 -13.41 -3.34
N GLY B 35 -0.38 -13.40 -4.37
CA GLY B 35 -0.47 -14.40 -5.43
C GLY B 35 -0.30 -15.79 -4.84
N LEU B 36 0.70 -15.95 -3.98
CA LEU B 36 0.96 -17.27 -3.42
C LEU B 36 -0.29 -17.72 -2.60
N ASN B 37 -0.92 -16.78 -1.89
CA ASN B 37 -2.04 -17.12 -1.05
C ASN B 37 -3.21 -17.54 -1.95
N GLN B 38 -3.42 -16.82 -3.06
CA GLN B 38 -4.53 -17.17 -3.98
C GLN B 38 -4.24 -18.49 -4.64
N GLN B 39 -2.99 -18.71 -5.03
CA GLN B 39 -2.64 -19.99 -5.66
C GLN B 39 -2.89 -21.17 -4.74
N ALA B 40 -2.69 -20.96 -3.45
CA ALA B 40 -2.87 -22.03 -2.47
C ALA B 40 -4.33 -22.47 -2.37
N ILE B 41 -5.25 -21.50 -2.41
CA ILE B 41 -6.67 -21.88 -2.31
C ILE B 41 -7.09 -22.46 -3.67
N GLU B 42 -6.52 -21.97 -4.77
CA GLU B 42 -6.87 -22.53 -6.10
C GLU B 42 -6.41 -23.98 -6.18
N GLN B 43 -5.24 -24.25 -5.63
CA GLN B 43 -4.68 -25.62 -5.64
C GLN B 43 -5.55 -26.55 -4.83
N PHE B 44 -6.03 -26.05 -3.69
CA PHE B 44 -6.93 -26.86 -2.83
C PHE B 44 -8.17 -27.30 -3.61
N PHE B 45 -8.76 -26.36 -4.34
CA PHE B 45 -9.96 -26.71 -5.07
C PHE B 45 -9.65 -27.62 -6.25
N ARG B 46 -8.47 -27.50 -6.85
CA ARG B 46 -8.13 -28.40 -7.99
C ARG B 46 -8.01 -29.85 -7.56
N GLU B 47 -7.83 -30.06 -6.26
CA GLU B 47 -7.85 -31.46 -5.71
C GLU B 47 -9.16 -32.18 -5.90
N PHE B 48 -10.27 -31.44 -6.04
CA PHE B 48 -11.60 -32.03 -6.30
C PHE B 48 -11.78 -32.56 -7.70
N GLU B 49 -10.88 -32.20 -8.61
CA GLU B 49 -10.94 -32.62 -10.04
C GLU B 49 -10.54 -34.09 -10.15
N GLN B 50 -11.31 -34.85 -10.91
CA GLN B 50 -11.02 -36.29 -11.13
C GLN B 50 -9.58 -36.49 -11.61
N GLN C 3 -23.25 -28.61 -1.69
CA GLN C 3 -21.78 -28.69 -1.45
C GLN C 3 -21.05 -27.52 -2.08
N TRP C 4 -21.51 -27.09 -3.26
CA TRP C 4 -20.98 -25.87 -3.85
C TRP C 4 -21.94 -24.72 -3.64
N SER C 5 -21.42 -23.59 -3.16
CA SER C 5 -22.17 -22.38 -3.01
C SER C 5 -21.73 -21.32 -3.99
N GLU C 6 -22.56 -21.00 -4.98
CA GLU C 6 -22.27 -19.86 -5.92
C GLU C 6 -22.17 -18.53 -5.16
N GLU C 7 -23.00 -18.36 -4.14
CA GLU C 7 -22.94 -17.14 -3.36
C GLU C 7 -21.58 -16.99 -2.68
N VAL C 8 -21.08 -18.05 -2.04
CA VAL C 8 -19.76 -17.98 -1.38
C VAL C 8 -18.66 -17.69 -2.40
N GLU C 9 -18.72 -18.41 -3.53
CA GLU C 9 -17.75 -18.20 -4.63
C GLU C 9 -17.74 -16.73 -5.06
N ARG C 10 -18.93 -16.17 -5.26
CA ARG C 10 -19.08 -14.82 -5.84
C ARG C 10 -18.66 -13.77 -4.82
N LYS C 11 -18.99 -14.01 -3.55
CA LYS C 11 -18.55 -13.06 -2.49
C LYS C 11 -17.03 -13.04 -2.35
N LEU C 12 -16.40 -14.22 -2.43
CA LEU C 12 -14.93 -14.27 -2.32
C LEU C 12 -14.27 -13.59 -3.49
N LYS C 13 -14.81 -13.82 -4.68
CA LYS C 13 -14.25 -13.20 -5.89
C LYS C 13 -14.43 -11.66 -5.81
N GLU C 14 -15.56 -11.21 -5.23
CA GLU C 14 -15.80 -9.78 -5.08
C GLU C 14 -14.86 -9.16 -4.02
N PHE C 15 -14.57 -9.91 -2.97
CA PHE C 15 -13.59 -9.44 -1.95
C PHE C 15 -12.25 -9.14 -2.65
N VAL C 16 -11.81 -10.07 -3.46
CA VAL C 16 -10.52 -9.93 -4.14
C VAL C 16 -10.60 -8.80 -5.17
N ARG C 17 -11.69 -8.77 -5.94
CA ARG C 17 -11.89 -7.64 -6.90
C ARG C 17 -11.86 -6.26 -6.23
N ARG C 18 -12.56 -6.15 -5.11
CA ARG C 18 -12.64 -4.83 -4.43
C ARG C 18 -11.28 -4.46 -3.86
N HIS C 19 -10.55 -5.46 -3.36
CA HIS C 19 -9.21 -5.16 -2.89
C HIS C 19 -8.34 -4.58 -4.05
N GLN C 20 -8.46 -5.16 -5.24
CA GLN C 20 -7.65 -4.68 -6.36
C GLN C 20 -8.09 -3.25 -6.73
N GLU C 21 -9.39 -3.01 -6.73
CA GLU C 21 -9.93 -1.74 -7.10
C GLU C 21 -9.51 -0.67 -6.12
N ILE C 22 -9.64 -0.96 -4.82
CA ILE C 22 -9.16 -0.01 -3.79
C ILE C 22 -7.68 0.29 -4.01
N THR C 23 -6.87 -0.73 -4.29
CA THR C 23 -5.45 -0.50 -4.51
C THR C 23 -5.22 0.41 -5.70
N GLN C 24 -5.87 0.09 -6.83
CA GLN C 24 -5.63 0.87 -8.07
C GLN C 24 -6.07 2.30 -7.83
N GLU C 25 -7.23 2.47 -7.22
CA GLU C 25 -7.76 3.85 -6.99
C GLU C 25 -6.87 4.63 -6.01
N THR C 26 -6.42 3.95 -4.96
CA THR C 26 -5.56 4.60 -3.99
C THR C 26 -4.23 5.02 -4.60
N LEU C 27 -3.66 4.16 -5.43
CA LEU C 27 -2.39 4.50 -6.06
C LEU C 27 -2.56 5.69 -7.01
N HIS C 28 -3.72 5.76 -7.66
CA HIS C 28 -3.99 6.83 -8.65
C HIS C 28 -4.15 8.13 -7.88
N GLU C 29 -4.90 8.09 -6.78
CA GLU C 29 -5.10 9.28 -5.97
C GLU C 29 -3.78 9.78 -5.35
N TYR C 30 -2.97 8.82 -4.90
CA TYR C 30 -1.71 9.13 -4.25
C TYR C 30 -0.80 9.88 -5.24
N ALA C 31 -0.78 9.40 -6.48
CA ALA C 31 0.01 9.99 -7.58
C ALA C 31 -0.51 11.39 -7.87
N GLN C 32 -1.82 11.58 -7.91
CA GLN C 32 -2.42 12.92 -8.15
C GLN C 32 -1.95 13.89 -7.05
N LYS C 33 -2.12 13.50 -5.79
CA LYS C 33 -1.77 14.38 -4.68
C LYS C 33 -0.28 14.71 -4.65
N LEU C 34 0.56 13.69 -4.82
CA LEU C 34 2.01 13.95 -4.94
C LEU C 34 2.34 14.84 -6.13
N GLY C 35 1.65 14.65 -7.24
CA GLY C 35 1.87 15.47 -8.44
C GLY C 35 1.56 16.94 -8.22
N LEU C 36 0.46 17.22 -7.51
CA LEU C 36 0.07 18.60 -7.18
C LEU C 36 1.13 19.27 -6.32
N ASN C 37 1.72 18.50 -5.41
CA ASN C 37 2.78 18.97 -4.51
C ASN C 37 4.11 19.22 -5.26
N GLN C 38 4.45 18.32 -6.16
CA GLN C 38 5.66 18.44 -6.96
C GLN C 38 5.58 19.62 -7.91
N GLN C 39 4.43 19.80 -8.55
CA GLN C 39 4.28 20.91 -9.50
C GLN C 39 4.32 22.25 -8.78
N ALA C 40 3.96 22.26 -7.49
CA ALA C 40 4.07 23.46 -6.69
C ALA C 40 5.53 23.83 -6.36
N ILE C 41 6.36 22.85 -6.00
CA ILE C 41 7.77 23.13 -5.70
C ILE C 41 8.54 23.52 -6.96
N GLU C 42 8.10 22.99 -8.10
CA GLU C 42 8.69 23.30 -9.40
C GLU C 42 8.28 24.69 -9.87
N GLN C 43 7.00 25.03 -9.67
CA GLN C 43 6.47 26.34 -10.07
C GLN C 43 6.86 27.47 -9.10
N PHE C 44 7.47 27.09 -7.97
CA PHE C 44 8.11 28.06 -7.08
C PHE C 44 9.35 28.66 -7.76
N PHE C 45 10.04 27.85 -8.56
CA PHE C 45 11.17 28.29 -9.38
C PHE C 45 10.73 28.73 -10.79
N ARG C 46 10.65 30.03 -11.04
CA ARG C 46 10.97 31.06 -10.06
C ARG C 46 9.80 32.03 -9.93
N SER D 5 17.02 31.79 -0.62
CA SER D 5 17.99 32.02 0.49
C SER D 5 17.68 31.00 1.58
N GLU D 6 17.35 31.50 2.77
CA GLU D 6 16.64 30.70 3.76
C GLU D 6 15.21 30.42 3.22
N GLU D 7 14.79 31.21 2.23
CA GLU D 7 13.51 31.03 1.52
C GLU D 7 13.51 29.73 0.71
N VAL D 8 14.59 29.46 -0.02
CA VAL D 8 14.74 28.17 -0.71
C VAL D 8 14.69 27.04 0.30
N GLU D 9 15.44 27.18 1.40
CA GLU D 9 15.47 26.18 2.47
C GLU D 9 14.06 25.93 3.03
N ARG D 10 13.28 26.99 3.15
CA ARG D 10 11.91 26.90 3.65
C ARG D 10 11.00 26.11 2.72
N LYS D 11 11.08 26.37 1.41
CA LYS D 11 10.19 25.77 0.42
C LYS D 11 10.55 24.28 0.25
N LEU D 12 11.84 23.99 0.28
CA LEU D 12 12.28 22.62 0.11
C LEU D 12 11.84 21.75 1.30
N LYS D 13 12.00 22.28 2.52
CA LYS D 13 11.58 21.59 3.74
C LYS D 13 10.06 21.40 3.78
N GLU D 14 9.32 22.40 3.35
CA GLU D 14 7.87 22.26 3.26
C GLU D 14 7.43 21.24 2.20
N PHE D 15 8.09 21.21 1.05
CA PHE D 15 7.83 20.21 0.03
C PHE D 15 7.96 18.80 0.64
N VAL D 16 9.03 18.60 1.39
CA VAL D 16 9.28 17.27 1.95
C VAL D 16 8.20 16.96 3.02
N ARG D 17 7.86 17.94 3.85
CA ARG D 17 6.87 17.75 4.91
C ARG D 17 5.51 17.42 4.27
N ARG D 18 5.14 18.11 3.20
CA ARG D 18 3.85 17.85 2.54
C ARG D 18 3.88 16.45 1.89
N HIS D 19 5.01 16.10 1.28
CA HIS D 19 5.18 14.75 0.67
C HIS D 19 4.89 13.68 1.72
N GLN D 20 5.45 13.86 2.93
CA GLN D 20 5.28 12.94 4.06
C GLN D 20 3.82 12.88 4.60
N GLU D 21 3.19 14.06 4.66
CA GLU D 21 1.83 14.17 5.12
C GLU D 21 0.91 13.45 4.11
N ILE D 22 1.13 13.69 2.82
CA ILE D 22 0.34 13.00 1.79
C ILE D 22 0.48 11.48 1.96
N THR D 23 1.73 11.06 2.10
CA THR D 23 2.02 9.60 2.32
C THR D 23 1.31 9.04 3.54
N GLN D 24 1.38 9.75 4.66
CA GLN D 24 0.77 9.31 5.91
C GLN D 24 -0.76 9.22 5.82
N GLU D 25 -1.37 10.26 5.26
CA GLU D 25 -2.81 10.30 5.15
C GLU D 25 -3.32 9.22 4.19
N THR D 26 -2.58 8.99 3.13
CA THR D 26 -3.02 8.07 2.08
C THR D 26 -2.89 6.63 2.62
N LEU D 27 -1.78 6.36 3.30
CA LEU D 27 -1.62 5.04 3.94
C LEU D 27 -2.74 4.76 4.95
N HIS D 28 -3.14 5.77 5.73
CA HIS D 28 -4.22 5.58 6.68
C HIS D 28 -5.52 5.28 5.94
N GLU D 29 -5.83 6.09 4.91
CA GLU D 29 -7.02 5.90 4.11
C GLU D 29 -7.07 4.49 3.48
N TYR D 30 -5.94 4.10 2.91
CA TYR D 30 -5.83 2.77 2.28
C TYR D 30 -6.16 1.67 3.29
N ALA D 31 -5.51 1.74 4.46
CA ALA D 31 -5.74 0.73 5.51
C ALA D 31 -7.22 0.72 5.93
N GLN D 32 -7.85 1.91 6.04
CA GLN D 32 -9.27 2.00 6.42
C GLN D 32 -10.18 1.34 5.38
N LYS D 33 -9.93 1.65 4.10
CA LYS D 33 -10.74 1.07 3.01
C LYS D 33 -10.57 -0.44 2.94
N LEU D 34 -9.32 -0.88 3.03
CA LEU D 34 -9.05 -2.35 3.01
C LEU D 34 -9.71 -3.00 4.22
N GLY D 35 -9.65 -2.34 5.38
CA GLY D 35 -10.30 -2.88 6.57
C GLY D 35 -11.80 -3.04 6.43
N LEU D 36 -12.48 -2.12 5.73
CA LEU D 36 -13.92 -2.26 5.53
C LEU D 36 -14.23 -3.45 4.60
N ASN D 37 -13.39 -3.63 3.58
CA ASN D 37 -13.55 -4.80 2.68
C ASN D 37 -13.36 -6.12 3.41
N GLN D 38 -12.34 -6.15 4.26
CA GLN D 38 -12.10 -7.31 5.14
C GLN D 38 -13.28 -7.59 6.05
N GLN D 39 -13.79 -6.53 6.70
CA GLN D 39 -14.98 -6.67 7.55
C GLN D 39 -16.18 -7.28 6.81
N ALA D 40 -16.34 -6.87 5.56
CA ALA D 40 -17.45 -7.31 4.74
C ALA D 40 -17.35 -8.81 4.49
N ILE D 41 -16.18 -9.30 4.09
CA ILE D 41 -16.10 -10.74 3.78
C ILE D 41 -16.20 -11.58 5.05
N GLU D 42 -15.60 -11.09 6.14
CA GLU D 42 -15.71 -11.79 7.45
C GLU D 42 -17.15 -11.79 7.95
N GLN D 43 -17.88 -10.68 7.72
CA GLN D 43 -19.25 -10.69 8.14
C GLN D 43 -20.10 -11.66 7.32
N PHE D 44 -19.79 -11.71 6.02
CA PHE D 44 -20.49 -12.67 5.18
C PHE D 44 -20.27 -14.11 5.67
N PHE D 45 -19.02 -14.50 5.97
CA PHE D 45 -18.76 -15.86 6.43
C PHE D 45 -19.52 -16.15 7.74
N ARG D 46 -19.54 -15.17 8.62
CA ARG D 46 -20.31 -15.35 9.90
C ARG D 46 -21.77 -15.60 9.66
N GLU D 47 -22.38 -14.78 8.84
CA GLU D 47 -23.81 -14.88 8.54
C GLU D 47 -24.05 -16.21 7.84
N PHE D 48 -23.19 -16.55 6.88
CA PHE D 48 -23.43 -17.74 6.07
C PHE D 48 -23.40 -18.98 6.97
N GLU D 49 -22.43 -19.03 7.87
CA GLU D 49 -22.33 -20.12 8.84
C GLU D 49 -23.50 -20.23 9.81
N GLN D 50 -24.29 -19.17 9.95
CA GLN D 50 -25.43 -19.15 10.89
C GLN D 50 -26.67 -19.80 10.26
CD CD E . 10.24 -7.35 2.09
C1 DIO F . -1.10 -5.22 -5.92
C2 DIO F . -3.50 -5.06 -6.03
C1' DIO F . -1.53 -6.03 -4.69
C2' DIO F . -3.68 -6.53 -5.69
O1 DIO F . -2.24 -4.84 -6.70
O1' DIO F . -2.50 -7.04 -5.05
C1 DIO G . 1.51 0.68 -0.02
C2 DIO G . 2.13 -1.65 -0.28
C1' DIO G . 1.43 0.78 -1.55
C2' DIO G . 2.30 -1.41 -1.77
O1 DIO G . 1.25 -0.70 0.32
O1' DIO G . 2.49 -0.01 -2.05
C1 DIO H . -4.12 -20.99 3.18
C2 DIO H . -5.01 -20.14 1.09
C1' DIO H . -4.56 -22.41 2.81
C2' DIO H . -5.40 -21.60 0.77
O1 DIO H . -3.91 -20.17 2.02
O1' DIO H . -5.71 -22.32 1.97
CD CD I . -9.30 9.80 -0.80
C1 DIO J . -17.13 -23.06 -0.93
C2 DIO J . -17.36 -21.65 -2.87
C1' DIO J . -17.76 -24.22 -1.66
C2' DIO J . -17.81 -22.84 -3.66
O1 DIO J . -16.47 -22.22 -1.91
O1' DIO J . -18.54 -23.65 -2.74
C1 DIO K . -12.38 -21.17 -5.12
C2 DIO K . -14.56 -20.97 -6.04
C1' DIO K . -12.66 -20.18 -4.01
C2' DIO K . -14.91 -19.91 -5.02
O1 DIO K . -13.58 -21.83 -5.47
O1' DIO K . -14.06 -19.90 -3.88
C1 DIO L . -10.41 -16.36 -4.05
C2 DIO L . -9.69 -17.81 -5.81
C1' DIO L . -11.37 -15.68 -5.02
C2' DIO L . -10.70 -17.12 -6.75
O1 DIO L . -10.22 -17.72 -4.48
O1' DIO L . -10.84 -15.75 -6.33
C1 DIO M . 0.54 5.04 -0.21
C2 DIO M . -1.02 3.23 0.03
C1' DIO M . 1.07 4.42 -1.52
C2' DIO M . -1.11 3.43 -1.47
O1 DIO M . 0.09 3.95 0.59
O1' DIO M . 0.22 3.35 -1.95
C1 DIO N . 6.30 24.11 -0.61
C2 DIO N . 5.49 24.17 -2.85
C1' DIO N . 5.75 22.68 -0.47
C2' DIO N . 5.18 22.67 -2.77
O1 DIO N . 6.58 24.43 -1.97
O1' DIO N . 4.72 22.42 -1.44
C1 DIO O . -16.21 -8.16 0.65
C2 DIO O . -17.88 -7.47 -0.97
C1' DIO O . -17.33 -9.19 0.91
C2' DIO O . -18.39 -8.89 -1.15
O1 DIO O . -16.49 -7.51 -0.60
O1' DIO O . -17.59 -9.78 -0.36
C1 DIO P . -16.42 -20.77 4.32
C2 DIO P . -18.66 -20.18 3.93
C1' DIO P . -16.50 -20.25 5.75
C2' DIO P . -18.82 -19.68 5.36
O1 DIO P . -17.72 -21.25 3.94
O1' DIO P . -17.55 -19.31 5.89
C ACY Q . -11.74 9.53 -2.19
O ACY Q . -11.34 8.68 -1.43
OXT ACY Q . -11.10 10.63 -2.29
CH3 ACY Q . -13.02 9.16 -2.95
#